data_7QZW
#
_entry.id   7QZW
#
_cell.length_a   1.000
_cell.length_b   1.000
_cell.length_c   1.000
_cell.angle_alpha   90.00
_cell.angle_beta   90.00
_cell.angle_gamma   90.00
#
_symmetry.space_group_name_H-M   'P 1'
#
_entity_poly.entity_id   1
_entity_poly.type   'polypeptide(L)'
_entity_poly.pdbx_seq_one_letter_code
;RAVIYKIPYNAIASRWIIAPKKC(NH2)
;
_entity_poly.pdbx_strand_id   A
#
# COMPACT_ATOMS: atom_id res chain seq x y z
N ARG A 1 8.94 -0.31 -14.32
CA ARG A 1 9.50 -1.14 -13.26
C ARG A 1 10.27 -0.28 -12.25
N ALA A 2 10.60 -0.87 -11.11
CA ALA A 2 11.34 -0.17 -10.07
C ALA A 2 12.15 -1.14 -9.22
N VAL A 3 13.47 -1.12 -9.38
CA VAL A 3 14.35 -1.99 -8.63
C VAL A 3 14.46 -1.54 -7.18
N ILE A 4 14.52 -0.23 -6.97
CA ILE A 4 14.63 0.32 -5.63
C ILE A 4 13.26 0.77 -5.11
N TYR A 5 13.07 0.66 -3.80
CA TYR A 5 11.81 1.05 -3.17
C TYR A 5 10.65 0.24 -3.75
N LYS A 6 10.87 -1.06 -3.91
CA LYS A 6 9.83 -1.95 -4.44
C LYS A 6 9.05 -2.62 -3.32
N ILE A 7 8.77 -1.85 -2.28
CA ILE A 7 8.02 -2.36 -1.13
C ILE A 7 6.51 -2.21 -1.34
N PRO A 8 5.76 -3.28 -1.07
CA PRO A 8 4.30 -3.28 -1.22
C PRO A 8 3.61 -2.42 -0.19
N TYR A 9 3.59 -1.11 -0.43
CA TYR A 9 2.96 -0.17 0.50
C TYR A 9 1.44 -0.24 0.39
N ASN A 10 0.95 -0.44 -0.83
CA ASN A 10 -0.49 -0.54 -1.07
C ASN A 10 -1.07 -1.78 -0.40
N ALA A 11 -0.29 -2.84 -0.34
CA ALA A 11 -0.73 -4.09 0.27
C ALA A 11 -1.13 -3.87 1.72
N ILE A 12 -0.43 -2.97 2.40
CA ILE A 12 -0.73 -2.67 3.80
C ILE A 12 -1.91 -1.71 3.91
N ALA A 13 -1.98 -0.75 3.01
CA ALA A 13 -3.07 0.22 3.00
C ALA A 13 -4.39 -0.43 2.67
N SER A 14 -4.33 -1.52 1.90
CA SER A 14 -5.54 -2.24 1.50
C SER A 14 -6.29 -2.77 2.72
N ARG A 15 -5.55 -3.39 3.63
CA ARG A 15 -6.13 -3.95 4.85
C ARG A 15 -6.22 -2.88 5.94
N TRP A 16 -5.21 -2.02 6.00
CA TRP A 16 -5.17 -0.96 7.00
C TRP A 16 -6.32 0.02 6.80
N ILE A 17 -6.66 0.29 5.54
CA ILE A 17 -7.73 1.21 5.21
C ILE A 17 -8.65 0.63 4.13
N ILE A 18 -9.91 1.04 4.15
CA ILE A 18 -10.88 0.56 3.16
C ILE A 18 -11.49 1.71 2.39
N ALA A 19 -10.66 2.41 1.62
CA ALA A 19 -11.13 3.54 0.83
C ALA A 19 -10.68 3.41 -0.63
N PRO A 20 -11.35 4.14 -1.53
CA PRO A 20 -11.04 4.12 -2.96
C PRO A 20 -9.71 4.81 -3.27
N LYS A 21 -9.12 4.47 -4.41
CA LYS A 21 -7.86 5.05 -4.82
C LYS A 21 -7.92 6.57 -4.80
N LYS A 22 -6.81 7.20 -4.43
CA LYS A 22 -6.74 8.66 -4.38
C LYS A 22 -5.32 9.14 -4.68
N CYS A 23 -5.23 10.30 -5.33
CA CYS A 23 -3.95 10.88 -5.69
C CYS A 23 -3.94 12.38 -5.46
N ARG A 1 21.10 -5.51 4.10
CA ARG A 1 21.23 -6.95 3.85
C ARG A 1 20.06 -7.46 3.01
N ALA A 2 18.85 -7.16 3.47
CA ALA A 2 17.64 -7.60 2.77
C ALA A 2 17.54 -6.93 1.40
N VAL A 3 17.87 -5.64 1.35
CA VAL A 3 17.81 -4.88 0.11
C VAL A 3 16.40 -4.89 -0.47
N ILE A 4 15.57 -3.96 -0.01
CA ILE A 4 14.20 -3.86 -0.49
C ILE A 4 13.80 -2.40 -0.69
N TYR A 5 13.46 -2.06 -1.93
CA TYR A 5 13.05 -0.70 -2.25
C TYR A 5 11.58 -0.65 -2.65
N LYS A 6 11.13 -1.68 -3.35
CA LYS A 6 9.74 -1.76 -3.80
C LYS A 6 8.85 -2.33 -2.69
N ILE A 7 8.80 -1.62 -1.56
CA ILE A 7 7.98 -2.05 -0.44
C ILE A 7 6.49 -2.00 -0.79
N PRO A 8 5.77 -3.08 -0.45
CA PRO A 8 4.33 -3.18 -0.72
C PRO A 8 3.51 -2.23 0.16
N TYR A 9 3.45 -0.98 -0.23
CA TYR A 9 2.70 0.03 0.52
C TYR A 9 1.20 -0.16 0.33
N ASN A 10 0.81 -0.49 -0.90
CA ASN A 10 -0.61 -0.69 -1.22
C ASN A 10 -1.15 -1.94 -0.53
N ALA A 11 -0.28 -2.95 -0.39
CA ALA A 11 -0.67 -4.20 0.26
C ALA A 11 -1.05 -3.97 1.72
N ILE A 12 -0.35 -3.04 2.36
CA ILE A 12 -0.61 -2.72 3.76
C ILE A 12 -1.87 -1.87 3.91
N ALA A 13 -1.87 -0.71 3.27
CA ALA A 13 -3.01 0.20 3.32
C ALA A 13 -4.29 -0.50 2.86
N SER A 14 -4.14 -1.46 1.96
CA SER A 14 -5.28 -2.20 1.44
C SER A 14 -6.13 -2.76 2.57
N ARG A 15 -5.47 -3.22 3.62
CA ARG A 15 -6.17 -3.79 4.78
C ARG A 15 -6.56 -2.69 5.76
N TRP A 16 -5.69 -1.69 5.90
CA TRP A 16 -5.95 -0.58 6.81
C TRP A 16 -7.20 0.20 6.39
N ILE A 17 -7.41 0.30 5.08
CA ILE A 17 -8.57 1.01 4.55
C ILE A 17 -9.17 0.28 3.36
N ILE A 18 -10.47 0.45 3.17
CA ILE A 18 -11.17 -0.20 2.05
C ILE A 18 -11.89 0.83 1.19
N ALA A 19 -11.11 1.69 0.52
CA ALA A 19 -11.68 2.72 -0.34
C ALA A 19 -10.63 3.25 -1.30
N PRO A 20 -11.10 3.88 -2.39
CA PRO A 20 -10.21 4.46 -3.41
C PRO A 20 -9.47 5.68 -2.90
N LYS A 21 -10.20 6.61 -2.28
CA LYS A 21 -9.60 7.83 -1.75
C LYS A 21 -8.79 8.55 -2.81
N LYS A 22 -9.29 8.53 -4.05
CA LYS A 22 -8.62 9.18 -5.16
C LYS A 22 -8.93 10.68 -5.19
N CYS A 23 -10.18 11.01 -5.48
CA CYS A 23 -10.60 12.40 -5.54
C CYS A 23 -10.44 13.08 -4.18
N ARG A 1 13.34 -2.72 1.92
CA ARG A 1 14.38 -3.74 1.91
C ARG A 1 15.62 -3.24 1.17
N ALA A 2 16.74 -3.93 1.37
CA ALA A 2 17.99 -3.56 0.72
C ALA A 2 17.89 -3.75 -0.80
N VAL A 3 17.93 -5.01 -1.23
CA VAL A 3 17.85 -5.33 -2.65
C VAL A 3 16.49 -4.94 -3.23
N ILE A 4 15.44 -5.13 -2.43
CA ILE A 4 14.09 -4.79 -2.86
C ILE A 4 13.68 -3.41 -2.35
N TYR A 5 13.71 -2.42 -3.22
CA TYR A 5 13.35 -1.05 -2.86
C TYR A 5 11.86 -0.82 -3.09
N LYS A 6 11.34 -1.41 -4.17
CA LYS A 6 9.93 -1.26 -4.51
C LYS A 6 9.05 -2.09 -3.56
N ILE A 7 8.86 -1.57 -2.36
CA ILE A 7 8.04 -2.26 -1.37
C ILE A 7 6.55 -1.99 -1.59
N PRO A 8 5.75 -3.07 -1.56
CA PRO A 8 4.30 -2.97 -1.76
C PRO A 8 3.59 -2.29 -0.60
N TYR A 9 3.57 -0.96 -0.62
CA TYR A 9 2.93 -0.18 0.43
C TYR A 9 1.42 -0.32 0.36
N ASN A 10 0.89 -0.40 -0.85
CA ASN A 10 -0.55 -0.54 -1.05
C ASN A 10 -1.08 -1.81 -0.37
N ALA A 11 -0.24 -2.84 -0.37
CA ALA A 11 -0.62 -4.11 0.25
C ALA A 11 -1.04 -3.92 1.70
N ILE A 12 -0.37 -2.99 2.39
CA ILE A 12 -0.69 -2.71 3.78
C ILE A 12 -1.94 -1.85 3.90
N ALA A 13 -1.97 -0.73 3.18
CA ALA A 13 -3.11 0.17 3.22
C ALA A 13 -4.39 -0.55 2.80
N SER A 14 -4.24 -1.55 1.94
CA SER A 14 -5.39 -2.32 1.46
C SER A 14 -6.21 -2.85 2.62
N ARG A 15 -5.52 -3.25 3.68
CA ARG A 15 -6.20 -3.78 4.86
C ARG A 15 -6.61 -2.66 5.81
N TRP A 16 -5.76 -1.64 5.90
CA TRP A 16 -6.03 -0.50 6.77
C TRP A 16 -7.29 0.24 6.33
N ILE A 17 -7.50 0.30 5.02
CA ILE A 17 -8.67 0.98 4.48
C ILE A 17 -9.27 0.18 3.32
N ILE A 18 -10.58 0.34 3.13
CA ILE A 18 -11.28 -0.37 2.06
C ILE A 18 -12.41 0.48 1.49
N ALA A 19 -12.06 1.57 0.81
CA ALA A 19 -13.05 2.45 0.22
C ALA A 19 -12.77 2.68 -1.26
N PRO A 20 -13.80 3.13 -2.00
CA PRO A 20 -13.68 3.40 -3.43
C PRO A 20 -12.81 4.61 -3.73
N LYS A 21 -13.03 5.69 -2.97
CA LYS A 21 -12.26 6.91 -3.15
C LYS A 21 -11.43 7.23 -1.90
N LYS A 22 -10.11 7.33 -2.09
CA LYS A 22 -9.21 7.62 -0.98
C LYS A 22 -9.10 9.13 -0.76
N CYS A 23 -8.53 9.82 -1.74
CA CYS A 23 -8.36 11.27 -1.65
C CYS A 23 -8.43 11.91 -3.03
N ARG A 1 17.17 -10.19 6.16
CA ARG A 1 16.36 -9.16 5.54
C ARG A 1 16.43 -9.25 4.01
N ALA A 2 15.28 -9.49 3.38
CA ALA A 2 15.21 -9.60 1.94
C ALA A 2 15.43 -8.25 1.27
N VAL A 3 14.72 -7.23 1.76
CA VAL A 3 14.84 -5.89 1.21
C VAL A 3 14.49 -5.86 -0.27
N ILE A 4 13.20 -5.69 -0.57
CA ILE A 4 12.73 -5.66 -1.95
C ILE A 4 12.47 -4.22 -2.40
N TYR A 5 13.07 -3.82 -3.52
CA TYR A 5 12.90 -2.49 -4.05
C TYR A 5 11.41 -2.14 -4.19
N LYS A 6 10.62 -3.12 -4.62
CA LYS A 6 9.19 -2.91 -4.79
C LYS A 6 8.43 -3.30 -3.53
N ILE A 7 8.60 -2.50 -2.48
CA ILE A 7 7.94 -2.75 -1.21
C ILE A 7 6.42 -2.60 -1.34
N PRO A 8 5.68 -3.57 -0.80
CA PRO A 8 4.21 -3.56 -0.85
C PRO A 8 3.61 -2.48 0.04
N TYR A 9 3.62 -1.25 -0.46
CA TYR A 9 3.07 -0.13 0.30
C TYR A 9 1.55 -0.12 0.23
N ASN A 10 1.01 -0.50 -0.91
CA ASN A 10 -0.43 -0.54 -1.10
C ASN A 10 -1.04 -1.75 -0.41
N ALA A 11 -0.30 -2.84 -0.38
CA ALA A 11 -0.76 -4.07 0.26
C ALA A 11 -1.16 -3.82 1.71
N ILE A 12 -0.43 -2.93 2.37
CA ILE A 12 -0.70 -2.60 3.76
C ILE A 12 -1.99 -1.80 3.90
N ALA A 13 -2.03 -0.64 3.25
CA ALA A 13 -3.21 0.22 3.28
C ALA A 13 -4.46 -0.54 2.85
N SER A 14 -4.27 -1.53 1.98
CA SER A 14 -5.38 -2.32 1.48
C SER A 14 -6.19 -2.92 2.64
N ARG A 15 -5.49 -3.31 3.70
CA ARG A 15 -6.14 -3.89 4.86
C ARG A 15 -6.60 -2.81 5.83
N TRP A 16 -5.80 -1.76 5.94
CA TRP A 16 -6.12 -0.64 6.84
C TRP A 16 -7.40 0.06 6.39
N ILE A 17 -7.60 0.13 5.09
CA ILE A 17 -8.79 0.78 4.53
C ILE A 17 -9.36 -0.02 3.37
N ILE A 18 -10.67 0.08 3.16
CA ILE A 18 -11.34 -0.62 2.08
C ILE A 18 -12.14 0.33 1.21
N ALA A 19 -11.45 1.21 0.49
CA ALA A 19 -12.10 2.18 -0.38
C ALA A 19 -11.13 2.73 -1.42
N PRO A 20 -11.68 3.29 -2.51
CA PRO A 20 -10.88 3.86 -3.59
C PRO A 20 -10.16 5.14 -3.17
N LYS A 21 -8.84 5.13 -3.27
CA LYS A 21 -8.04 6.29 -2.91
C LYS A 21 -7.93 7.27 -4.07
N LYS A 22 -7.48 6.77 -5.22
CA LYS A 22 -7.34 7.60 -6.42
C LYS A 22 -8.63 8.35 -6.70
N CYS A 23 -9.76 7.71 -6.45
CA CYS A 23 -11.07 8.31 -6.69
C CYS A 23 -11.74 8.69 -5.37
N ARG A 1 19.79 2.70 6.44
CA ARG A 1 18.64 3.58 6.38
C ARG A 1 17.38 2.80 6.02
N ALA A 2 17.53 1.81 5.14
CA ALA A 2 16.41 0.99 4.70
C ALA A 2 16.88 -0.38 4.23
N VAL A 3 16.64 -1.40 5.04
CA VAL A 3 17.04 -2.77 4.70
C VAL A 3 16.20 -3.31 3.55
N ILE A 4 14.90 -3.09 3.61
CA ILE A 4 13.99 -3.55 2.57
C ILE A 4 13.45 -2.39 1.74
N TYR A 5 13.70 -2.44 0.44
CA TYR A 5 13.25 -1.39 -0.47
C TYR A 5 12.08 -1.87 -1.33
N LYS A 6 11.44 -0.94 -2.03
CA LYS A 6 10.31 -1.27 -2.89
C LYS A 6 9.23 -2.02 -2.11
N ILE A 7 9.04 -1.63 -0.86
CA ILE A 7 8.04 -2.27 -0.01
C ILE A 7 6.62 -2.01 -0.53
N PRO A 8 5.82 -3.08 -0.60
CA PRO A 8 4.43 -2.98 -1.08
C PRO A 8 3.53 -2.23 -0.11
N TYR A 9 3.59 -0.91 -0.15
CA TYR A 9 2.77 -0.08 0.73
C TYR A 9 1.28 -0.25 0.42
N ASN A 10 0.97 -0.42 -0.85
CA ASN A 10 -0.41 -0.60 -1.28
C ASN A 10 -1.02 -1.85 -0.66
N ALA A 11 -0.19 -2.87 -0.46
CA ALA A 11 -0.65 -4.12 0.13
C ALA A 11 -1.08 -3.91 1.58
N ILE A 12 -0.39 -3.03 2.28
CA ILE A 12 -0.70 -2.73 3.67
C ILE A 12 -1.94 -1.85 3.78
N ALA A 13 -1.92 -0.74 3.06
CA ALA A 13 -3.04 0.20 3.07
C ALA A 13 -4.36 -0.51 2.75
N SER A 14 -4.26 -1.59 1.97
CA SER A 14 -5.44 -2.35 1.57
C SER A 14 -6.27 -2.74 2.79
N ARG A 15 -5.61 -3.35 3.77
CA ARG A 15 -6.29 -3.77 4.99
C ARG A 15 -6.34 -2.64 6.01
N TRP A 16 -5.27 -1.84 6.05
CA TRP A 16 -5.18 -0.72 6.97
C TRP A 16 -6.34 0.25 6.77
N ILE A 17 -6.77 0.39 5.52
CA ILE A 17 -7.87 1.29 5.20
C ILE A 17 -9.05 0.51 4.62
N ILE A 18 -10.26 1.04 4.82
CA ILE A 18 -11.47 0.41 4.31
C ILE A 18 -12.50 1.44 3.87
N ALA A 19 -12.18 2.17 2.80
CA ALA A 19 -13.07 3.18 2.28
C ALA A 19 -13.30 4.30 3.29
N PRO A 20 -13.75 5.47 2.81
CA PRO A 20 -14.01 6.63 3.67
C PRO A 20 -15.22 6.43 4.57
N LYS A 21 -16.27 5.84 4.01
CA LYS A 21 -17.49 5.58 4.78
C LYS A 21 -18.01 6.86 5.41
N LYS A 22 -17.88 7.97 4.69
CA LYS A 22 -18.35 9.27 5.18
C LYS A 22 -18.90 10.11 4.04
N CYS A 23 -19.98 10.83 4.31
CA CYS A 23 -20.61 11.68 3.30
C CYS A 23 -20.94 13.05 3.88
N ARG A 1 9.24 5.64 4.19
CA ARG A 1 9.05 6.17 2.85
C ARG A 1 10.14 5.69 1.91
N ALA A 2 9.74 4.90 0.91
CA ALA A 2 10.68 4.37 -0.07
C ALA A 2 10.13 4.50 -1.48
N VAL A 3 10.78 5.35 -2.29
CA VAL A 3 10.36 5.56 -3.66
C VAL A 3 11.11 4.65 -4.62
N ILE A 4 12.41 4.47 -4.37
CA ILE A 4 13.24 3.62 -5.21
C ILE A 4 12.87 2.15 -5.02
N TYR A 5 12.85 1.71 -3.77
CA TYR A 5 12.52 0.33 -3.46
C TYR A 5 11.12 -0.03 -3.96
N LYS A 6 10.95 -1.25 -4.43
CA LYS A 6 9.67 -1.72 -4.93
C LYS A 6 8.88 -2.44 -3.83
N ILE A 7 8.82 -1.82 -2.66
CA ILE A 7 8.10 -2.40 -1.54
C ILE A 7 6.60 -2.21 -1.68
N PRO A 8 5.83 -3.29 -1.46
CA PRO A 8 4.37 -3.25 -1.56
C PRO A 8 3.72 -2.44 -0.44
N TYR A 9 3.62 -1.13 -0.65
CA TYR A 9 3.04 -0.25 0.35
C TYR A 9 1.51 -0.36 0.34
N ASN A 10 0.93 -0.34 -0.84
CA ASN A 10 -0.52 -0.45 -0.99
C ASN A 10 -1.04 -1.72 -0.33
N ALA A 11 -0.24 -2.78 -0.36
CA ALA A 11 -0.62 -4.05 0.24
C ALA A 11 -1.04 -3.86 1.69
N ILE A 12 -0.39 -2.93 2.39
CA ILE A 12 -0.70 -2.66 3.79
C ILE A 12 -1.96 -1.82 3.90
N ALA A 13 -2.02 -0.72 3.15
CA ALA A 13 -3.17 0.17 3.18
C ALA A 13 -4.44 -0.58 2.78
N SER A 14 -4.30 -1.58 1.92
CA SER A 14 -5.44 -2.37 1.47
C SER A 14 -6.24 -2.90 2.65
N ARG A 15 -5.53 -3.28 3.71
CA ARG A 15 -6.18 -3.82 4.91
C ARG A 15 -6.59 -2.69 5.85
N TRP A 16 -5.78 -1.64 5.91
CA TRP A 16 -6.06 -0.50 6.77
C TRP A 16 -7.34 0.20 6.32
N ILE A 17 -7.56 0.27 5.02
CA ILE A 17 -8.74 0.91 4.47
C ILE A 17 -9.38 0.06 3.38
N ILE A 18 -10.69 0.20 3.21
CA ILE A 18 -11.42 -0.56 2.20
C ILE A 18 -12.16 0.38 1.24
N ALA A 19 -11.40 1.15 0.48
CA ALA A 19 -11.98 2.09 -0.47
C ALA A 19 -11.10 2.24 -1.71
N PRO A 20 -11.68 2.74 -2.80
CA PRO A 20 -10.96 2.94 -4.07
C PRO A 20 -9.96 4.09 -3.98
N LYS A 21 -9.00 4.10 -4.89
CA LYS A 21 -7.98 5.14 -4.92
C LYS A 21 -8.62 6.52 -5.03
N LYS A 22 -8.04 7.48 -4.31
CA LYS A 22 -8.55 8.85 -4.32
C LYS A 22 -7.49 9.82 -4.86
N CYS A 23 -7.94 10.93 -5.41
CA CYS A 23 -7.04 11.95 -5.95
C CYS A 23 -7.58 13.35 -5.70
N ARG A 1 11.28 -6.39 -12.20
CA ARG A 1 12.72 -6.24 -12.18
C ARG A 1 13.28 -6.42 -10.78
N ALA A 2 12.69 -5.71 -9.82
CA ALA A 2 13.12 -5.80 -8.43
C ALA A 2 11.93 -5.68 -7.48
N VAL A 3 11.70 -6.75 -6.70
CA VAL A 3 10.59 -6.77 -5.75
C VAL A 3 11.00 -6.14 -4.42
N ILE A 4 12.25 -6.34 -4.03
CA ILE A 4 12.76 -5.80 -2.78
C ILE A 4 12.62 -4.28 -2.75
N TYR A 5 13.08 -3.63 -3.82
CA TYR A 5 13.00 -2.18 -3.92
C TYR A 5 11.55 -1.70 -3.91
N LYS A 6 10.72 -2.37 -4.70
CA LYS A 6 9.31 -2.01 -4.79
C LYS A 6 8.54 -2.56 -3.58
N ILE A 7 8.71 -1.90 -2.44
CA ILE A 7 8.03 -2.33 -1.22
C ILE A 7 6.52 -2.24 -1.38
N PRO A 8 5.82 -3.30 -0.95
CA PRO A 8 4.35 -3.38 -1.03
C PRO A 8 3.68 -2.42 -0.06
N TYR A 9 3.59 -1.15 -0.44
CA TYR A 9 2.97 -0.14 0.40
C TYR A 9 1.44 -0.23 0.31
N ASN A 10 0.94 -0.44 -0.89
CA ASN A 10 -0.50 -0.55 -1.11
C ASN A 10 -1.06 -1.79 -0.43
N ALA A 11 -0.26 -2.85 -0.38
CA ALA A 11 -0.67 -4.10 0.24
C ALA A 11 -1.09 -3.87 1.70
N ILE A 12 -0.41 -2.95 2.36
CA ILE A 12 -0.71 -2.64 3.76
C ILE A 12 -1.98 -1.82 3.88
N ALA A 13 -2.00 -0.66 3.22
CA ALA A 13 -3.16 0.22 3.25
C ALA A 13 -4.42 -0.53 2.83
N SER A 14 -4.26 -1.52 1.96
CA SER A 14 -5.38 -2.30 1.47
C SER A 14 -6.18 -2.89 2.63
N ARG A 15 -5.48 -3.27 3.69
CA ARG A 15 -6.12 -3.84 4.87
C ARG A 15 -6.57 -2.75 5.83
N TRP A 16 -5.79 -1.69 5.93
CA TRP A 16 -6.10 -0.58 6.81
C TRP A 16 -7.37 0.13 6.36
N ILE A 17 -7.56 0.22 5.05
CA ILE A 17 -8.75 0.86 4.49
C ILE A 17 -9.36 0.03 3.37
N ILE A 18 -10.67 0.17 3.18
CA ILE A 18 -11.36 -0.58 2.14
C ILE A 18 -11.63 0.31 0.93
N ALA A 19 -10.57 0.91 0.40
CA ALA A 19 -10.69 1.78 -0.76
C ALA A 19 -9.34 1.97 -1.45
N PRO A 20 -9.37 2.39 -2.72
CA PRO A 20 -8.16 2.62 -3.51
C PRO A 20 -7.38 3.84 -3.03
N LYS A 21 -6.19 3.60 -2.49
CA LYS A 21 -5.34 4.68 -1.99
C LYS A 21 -3.88 4.43 -2.36
N LYS A 22 -3.15 5.52 -2.61
CA LYS A 22 -1.74 5.42 -2.96
C LYS A 22 -0.86 5.40 -1.72
N CYS A 23 -0.83 6.52 -1.00
CA CYS A 23 -0.04 6.64 0.22
C CYS A 23 -0.81 6.12 1.43
N ARG A 1 21.09 -4.04 5.00
CA ARG A 1 20.75 -2.73 5.53
C ARG A 1 19.44 -2.21 4.93
N ALA A 2 19.27 -2.45 3.64
CA ALA A 2 18.06 -2.02 2.95
C ALA A 2 17.82 -0.53 3.15
N VAL A 3 18.77 0.29 2.69
CA VAL A 3 18.65 1.74 2.82
C VAL A 3 17.34 2.25 2.22
N ILE A 4 16.94 1.64 1.11
CA ILE A 4 15.70 2.03 0.43
C ILE A 4 14.59 1.02 0.70
N TYR A 5 13.61 1.43 1.50
CA TYR A 5 12.49 0.57 1.84
C TYR A 5 11.77 0.08 0.58
N LYS A 6 11.59 -1.23 0.49
CA LYS A 6 10.92 -1.83 -0.66
C LYS A 6 9.67 -2.59 -0.23
N ILE A 7 8.95 -2.04 0.74
CA ILE A 7 7.74 -2.65 1.23
C ILE A 7 6.52 -2.19 0.45
N PRO A 8 5.67 -3.14 0.05
CA PRO A 8 4.46 -2.86 -0.72
C PRO A 8 3.40 -2.14 0.11
N TYR A 9 3.56 -0.82 0.27
CA TYR A 9 2.62 -0.03 1.04
C TYR A 9 1.20 -0.20 0.53
N ASN A 10 1.07 -0.34 -0.79
CA ASN A 10 -0.24 -0.51 -1.41
C ASN A 10 -0.92 -1.77 -0.89
N ALA A 11 -0.12 -2.79 -0.60
CA ALA A 11 -0.65 -4.06 -0.10
C ALA A 11 -1.09 -3.93 1.35
N ILE A 12 -0.37 -3.12 2.12
CA ILE A 12 -0.69 -2.91 3.52
C ILE A 12 -1.89 -1.98 3.68
N ALA A 13 -1.94 -0.95 2.83
CA ALA A 13 -3.03 0.02 2.87
C ALA A 13 -4.38 -0.67 2.67
N SER A 14 -4.37 -1.78 1.94
CA SER A 14 -5.60 -2.52 1.67
C SER A 14 -6.34 -2.82 2.97
N ARG A 15 -5.60 -3.18 4.01
CA ARG A 15 -6.18 -3.50 5.30
C ARG A 15 -6.37 -2.24 6.14
N TRP A 16 -5.44 -1.31 6.01
CA TRP A 16 -5.50 -0.06 6.76
C TRP A 16 -6.74 0.74 6.38
N ILE A 17 -7.14 0.64 5.12
CA ILE A 17 -8.32 1.36 4.64
C ILE A 17 -9.40 0.38 4.20
N ILE A 18 -10.65 0.84 4.25
CA ILE A 18 -11.78 0.00 3.85
C ILE A 18 -11.94 -1.19 4.79
N ALA A 19 -12.46 -0.93 5.98
CA ALA A 19 -12.66 -1.98 6.97
C ALA A 19 -13.83 -1.64 7.91
N PRO A 20 -14.37 -2.66 8.57
CA PRO A 20 -15.49 -2.50 9.50
C PRO A 20 -15.09 -1.77 10.77
N LYS A 21 -15.66 -0.59 10.97
CA LYS A 21 -15.36 0.22 12.15
C LYS A 21 -16.24 -0.19 13.33
N LYS A 22 -15.81 0.18 14.53
CA LYS A 22 -16.56 -0.15 15.74
C LYS A 22 -17.99 0.37 15.65
N CYS A 23 -18.79 0.05 16.66
CA CYS A 23 -20.19 0.48 16.69
C CYS A 23 -20.28 2.00 16.66
N ARG A 1 13.95 -9.76 -9.44
CA ARG A 1 13.28 -9.60 -8.15
C ARG A 1 13.63 -8.27 -7.50
N ALA A 2 12.94 -7.95 -6.41
CA ALA A 2 13.18 -6.70 -5.69
C ALA A 2 12.72 -6.80 -4.24
N VAL A 3 13.68 -6.83 -3.32
CA VAL A 3 13.37 -6.93 -1.90
C VAL A 3 13.35 -5.54 -1.25
N ILE A 4 14.25 -4.67 -1.69
CA ILE A 4 14.33 -3.32 -1.15
C ILE A 4 13.43 -2.36 -1.93
N TYR A 5 13.39 -2.55 -3.25
CA TYR A 5 12.57 -1.70 -4.10
C TYR A 5 11.23 -2.35 -4.38
N LYS A 6 10.34 -1.60 -5.05
CA LYS A 6 9.01 -2.10 -5.39
C LYS A 6 8.32 -2.67 -4.15
N ILE A 7 8.56 -2.04 -3.00
CA ILE A 7 7.95 -2.48 -1.76
C ILE A 7 6.43 -2.35 -1.81
N PRO A 8 5.73 -3.41 -1.37
CA PRO A 8 4.27 -3.44 -1.36
C PRO A 8 3.68 -2.50 -0.31
N TYR A 9 3.64 -1.22 -0.63
CA TYR A 9 3.10 -0.21 0.29
C TYR A 9 1.57 -0.23 0.27
N ASN A 10 1.01 -0.46 -0.91
CA ASN A 10 -0.46 -0.50 -1.05
C ASN A 10 -1.03 -1.72 -0.35
N ALA A 11 -0.28 -2.81 -0.35
CA ALA A 11 -0.72 -4.06 0.28
C ALA A 11 -1.12 -3.81 1.73
N ILE A 12 -0.42 -2.90 2.39
CA ILE A 12 -0.70 -2.58 3.78
C ILE A 12 -2.00 -1.79 3.91
N ALA A 13 -2.05 -0.64 3.25
CA ALA A 13 -3.23 0.21 3.28
C ALA A 13 -4.48 -0.56 2.85
N SER A 14 -4.28 -1.54 1.97
CA SER A 14 -5.38 -2.35 1.46
C SER A 14 -6.21 -2.93 2.62
N ARG A 15 -5.52 -3.32 3.68
CA ARG A 15 -6.17 -3.89 4.85
C ARG A 15 -6.61 -2.79 5.82
N TRP A 16 -5.81 -1.75 5.92
CA TRP A 16 -6.11 -0.62 6.80
C TRP A 16 -7.40 0.07 6.38
N ILE A 17 -7.63 0.14 5.07
CA ILE A 17 -8.83 0.77 4.54
C ILE A 17 -9.41 -0.04 3.38
N ILE A 18 -10.72 0.07 3.20
CA ILE A 18 -11.40 -0.66 2.13
C ILE A 18 -12.21 0.30 1.25
N ALA A 19 -11.50 1.17 0.53
CA ALA A 19 -12.14 2.12 -0.36
C ALA A 19 -11.14 2.71 -1.36
N PRO A 20 -11.66 3.27 -2.46
CA PRO A 20 -10.83 3.86 -3.50
C PRO A 20 -10.15 5.15 -3.05
N LYS A 21 -8.83 5.14 -3.05
CA LYS A 21 -8.05 6.30 -2.63
C LYS A 21 -6.71 6.37 -3.37
N LYS A 22 -6.18 7.57 -3.50
CA LYS A 22 -4.91 7.77 -4.19
C LYS A 22 -4.15 8.96 -3.61
N CYS A 23 -2.82 8.92 -3.69
CA CYS A 23 -1.99 9.99 -3.17
C CYS A 23 -1.35 10.77 -4.31
N ARG A 1 19.13 4.33 -10.03
CA ARG A 1 18.16 3.76 -10.95
C ARG A 1 16.76 4.27 -10.64
N ALA A 2 16.30 4.02 -9.41
CA ALA A 2 14.97 4.45 -8.99
C ALA A 2 14.96 4.80 -7.51
N VAL A 3 14.91 6.10 -7.22
CA VAL A 3 14.89 6.57 -5.84
C VAL A 3 13.77 5.91 -5.05
N ILE A 4 12.64 5.67 -5.71
CA ILE A 4 11.50 5.04 -5.06
C ILE A 4 11.72 3.54 -4.90
N TYR A 5 11.44 3.04 -3.70
CA TYR A 5 11.61 1.62 -3.41
C TYR A 5 10.42 0.81 -3.92
N LYS A 6 10.64 -0.48 -4.12
CA LYS A 6 9.58 -1.37 -4.61
C LYS A 6 8.88 -2.06 -3.44
N ILE A 7 8.65 -1.31 -2.37
CA ILE A 7 7.97 -1.85 -1.20
C ILE A 7 6.46 -1.84 -1.38
N PRO A 8 5.81 -2.98 -1.05
CA PRO A 8 4.37 -3.12 -1.16
C PRO A 8 3.61 -2.28 -0.14
N TYR A 9 3.49 -0.98 -0.42
CA TYR A 9 2.80 -0.07 0.49
C TYR A 9 1.28 -0.24 0.36
N ASN A 10 0.81 -0.49 -0.86
CA ASN A 10 -0.61 -0.67 -1.10
C ASN A 10 -1.14 -1.92 -0.40
N ALA A 11 -0.28 -2.94 -0.32
CA ALA A 11 -0.65 -4.19 0.32
C ALA A 11 -1.07 -3.96 1.76
N ILE A 12 -0.42 -3.02 2.42
CA ILE A 12 -0.73 -2.70 3.81
C ILE A 12 -1.94 -1.77 3.91
N ALA A 13 -1.90 -0.67 3.16
CA ALA A 13 -2.99 0.30 3.16
C ALA A 13 -4.31 -0.37 2.73
N SER A 14 -4.20 -1.42 1.93
CA SER A 14 -5.38 -2.13 1.45
C SER A 14 -6.18 -2.70 2.61
N ARG A 15 -5.48 -3.34 3.55
CA ARG A 15 -6.13 -3.93 4.71
C ARG A 15 -6.30 -2.91 5.83
N TRP A 16 -5.31 -2.02 5.96
CA TRP A 16 -5.34 -0.99 6.98
C TRP A 16 -6.49 -0.01 6.74
N ILE A 17 -6.76 0.27 5.47
CA ILE A 17 -7.83 1.19 5.10
C ILE A 17 -8.65 0.63 3.94
N ILE A 18 -9.92 1.02 3.87
CA ILE A 18 -10.81 0.57 2.81
C ILE A 18 -11.84 1.64 2.46
N ALA A 19 -11.35 2.75 1.91
CA ALA A 19 -12.22 3.85 1.53
C ALA A 19 -11.59 4.70 0.42
N PRO A 20 -12.42 5.46 -0.29
CA PRO A 20 -11.96 6.32 -1.38
C PRO A 20 -11.15 7.52 -0.87
N LYS A 21 -9.86 7.29 -0.64
CA LYS A 21 -8.98 8.34 -0.16
C LYS A 21 -8.29 9.04 -1.32
N LYS A 22 -7.54 8.28 -2.11
CA LYS A 22 -6.84 8.83 -3.26
C LYS A 22 -7.81 9.43 -4.27
N CYS A 23 -7.84 10.75 -4.36
CA CYS A 23 -8.73 11.43 -5.29
C CYS A 23 -8.54 10.92 -6.71
N ARG A 1 15.98 -2.19 -4.93
CA ARG A 1 15.21 -2.81 -6.00
C ARG A 1 14.19 -3.78 -5.43
N ALA A 2 14.64 -4.69 -4.58
CA ALA A 2 13.75 -5.67 -3.97
C ALA A 2 13.24 -5.19 -2.62
N VAL A 3 14.14 -5.05 -1.66
CA VAL A 3 13.79 -4.60 -0.32
C VAL A 3 13.79 -3.07 -0.24
N ILE A 4 14.74 -2.46 -0.93
CA ILE A 4 14.86 -1.00 -0.94
C ILE A 4 13.79 -0.37 -1.82
N TYR A 5 13.50 -1.01 -2.93
CA TYR A 5 12.49 -0.52 -3.86
C TYR A 5 11.45 -1.58 -4.17
N LYS A 6 10.38 -1.18 -4.85
CA LYS A 6 9.31 -2.10 -5.21
C LYS A 6 8.66 -2.69 -3.96
N ILE A 7 8.54 -1.88 -2.91
CA ILE A 7 7.94 -2.33 -1.67
C ILE A 7 6.42 -2.23 -1.72
N PRO A 8 5.75 -3.30 -1.29
CA PRO A 8 4.28 -3.36 -1.27
C PRO A 8 3.67 -2.43 -0.22
N TYR A 9 3.61 -1.14 -0.54
CA TYR A 9 3.05 -0.15 0.37
C TYR A 9 1.53 -0.19 0.36
N ASN A 10 0.97 -0.44 -0.82
CA ASN A 10 -0.49 -0.50 -0.97
C ASN A 10 -1.04 -1.75 -0.29
N ALA A 11 -0.27 -2.83 -0.33
CA ALA A 11 -0.69 -4.08 0.28
C ALA A 11 -1.12 -3.88 1.73
N ILE A 12 -0.45 -2.96 2.42
CA ILE A 12 -0.76 -2.68 3.81
C ILE A 12 -1.95 -1.72 3.92
N ALA A 13 -2.00 -0.76 3.01
CA ALA A 13 -3.09 0.22 3.00
C ALA A 13 -4.42 -0.44 2.65
N SER A 14 -4.36 -1.53 1.90
CA SER A 14 -5.55 -2.25 1.50
C SER A 14 -6.31 -2.78 2.71
N ARG A 15 -5.57 -3.40 3.63
CA ARG A 15 -6.17 -3.95 4.85
C ARG A 15 -6.26 -2.88 5.93
N TRP A 16 -5.26 -2.02 5.99
CA TRP A 16 -5.22 -0.96 6.99
C TRP A 16 -6.35 0.04 6.77
N ILE A 17 -6.68 0.29 5.50
CA ILE A 17 -7.73 1.22 5.15
C ILE A 17 -8.62 0.66 4.05
N ILE A 18 -9.88 1.07 4.03
CA ILE A 18 -10.84 0.60 3.03
C ILE A 18 -11.84 1.70 2.67
N ALA A 19 -11.36 2.72 1.98
CA ALA A 19 -12.20 3.84 1.58
C ALA A 19 -11.94 4.22 0.12
N PRO A 20 -12.90 4.93 -0.48
CA PRO A 20 -12.79 5.38 -1.87
C PRO A 20 -11.75 6.48 -2.05
N LYS A 21 -10.58 6.10 -2.57
CA LYS A 21 -9.50 7.05 -2.79
C LYS A 21 -9.44 7.47 -4.25
N LYS A 22 -9.54 6.50 -5.14
CA LYS A 22 -9.49 6.76 -6.57
C LYS A 22 -10.63 7.68 -7.00
N CYS A 23 -11.81 7.47 -6.42
CA CYS A 23 -12.98 8.29 -6.73
C CYS A 23 -12.85 9.68 -6.11
N ARG A 1 13.71 2.63 -8.25
CA ARG A 1 14.76 1.72 -7.78
C ARG A 1 15.78 2.46 -6.93
N ALA A 2 16.08 3.70 -7.32
CA ALA A 2 17.05 4.52 -6.59
C ALA A 2 16.48 4.97 -5.25
N VAL A 3 15.46 5.83 -5.31
CA VAL A 3 14.83 6.34 -4.10
C VAL A 3 13.63 5.50 -3.71
N ILE A 4 12.87 5.05 -4.72
CA ILE A 4 11.69 4.24 -4.48
C ILE A 4 12.05 2.76 -4.41
N TYR A 5 11.50 2.07 -3.41
CA TYR A 5 11.77 0.65 -3.23
C TYR A 5 10.60 -0.19 -3.73
N LYS A 6 10.78 -1.51 -3.73
CA LYS A 6 9.74 -2.43 -4.18
C LYS A 6 8.93 -2.96 -3.00
N ILE A 7 8.70 -2.12 -2.01
CA ILE A 7 7.95 -2.50 -0.84
C ILE A 7 6.45 -2.37 -1.07
N PRO A 8 5.70 -3.42 -0.69
CA PRO A 8 4.24 -3.45 -0.86
C PRO A 8 3.53 -2.47 0.07
N TYR A 9 3.53 -1.21 -0.31
CA TYR A 9 2.89 -0.17 0.49
C TYR A 9 1.37 -0.22 0.33
N ASN A 10 0.92 -0.54 -0.88
CA ASN A 10 -0.51 -0.62 -1.17
C ASN A 10 -1.14 -1.81 -0.45
N ALA A 11 -0.36 -2.89 -0.32
CA ALA A 11 -0.84 -4.09 0.35
C ALA A 11 -1.20 -3.82 1.81
N ILE A 12 -0.44 -2.93 2.44
CA ILE A 12 -0.67 -2.58 3.83
C ILE A 12 -1.87 -1.66 3.96
N ALA A 13 -1.96 -0.65 3.10
CA ALA A 13 -3.06 0.29 3.12
C ALA A 13 -4.36 -0.38 2.72
N SER A 14 -4.27 -1.43 1.91
CA SER A 14 -5.44 -2.17 1.46
C SER A 14 -6.20 -2.77 2.63
N ARG A 15 -5.46 -3.41 3.54
CA ARG A 15 -6.06 -4.04 4.71
C ARG A 15 -6.19 -3.04 5.85
N TRP A 16 -5.21 -2.15 5.98
CA TRP A 16 -5.22 -1.13 7.02
C TRP A 16 -6.38 -0.16 6.84
N ILE A 17 -6.68 0.15 5.58
CA ILE A 17 -7.77 1.06 5.26
C ILE A 17 -8.63 0.52 4.12
N ILE A 18 -9.90 0.91 4.12
CA ILE A 18 -10.83 0.46 3.10
C ILE A 18 -11.55 1.64 2.45
N ALA A 19 -10.77 2.50 1.78
CA ALA A 19 -11.33 3.66 1.12
C ALA A 19 -11.06 3.61 -0.39
N PRO A 20 -11.85 4.38 -1.16
CA PRO A 20 -11.71 4.44 -2.62
C PRO A 20 -10.43 5.14 -3.06
N LYS A 21 -10.01 6.14 -2.30
CA LYS A 21 -8.81 6.89 -2.61
C LYS A 21 -7.61 5.95 -2.73
N LYS A 22 -7.28 5.26 -1.64
CA LYS A 22 -6.16 4.33 -1.62
C LYS A 22 -4.87 5.03 -2.01
N CYS A 23 -4.70 6.27 -1.54
CA CYS A 23 -3.50 7.04 -1.83
C CYS A 23 -2.33 6.60 -0.96
N ARG A 1 17.84 5.01 -11.79
CA ARG A 1 16.71 4.47 -12.54
C ARG A 1 15.40 4.70 -11.80
N ALA A 2 15.39 4.39 -10.51
CA ALA A 2 14.20 4.56 -9.69
C ALA A 2 14.56 4.67 -8.22
N VAL A 3 14.42 5.87 -7.67
CA VAL A 3 14.73 6.10 -6.26
C VAL A 3 13.73 5.40 -5.35
N ILE A 4 12.45 5.44 -5.74
CA ILE A 4 11.40 4.81 -4.96
C ILE A 4 11.59 3.30 -4.91
N TYR A 5 11.56 2.75 -3.70
CA TYR A 5 11.73 1.31 -3.51
C TYR A 5 10.54 0.54 -4.09
N LYS A 6 10.76 -0.74 -4.39
CA LYS A 6 9.71 -1.58 -4.95
C LYS A 6 8.99 -2.35 -3.85
N ILE A 7 8.72 -1.67 -2.73
CA ILE A 7 8.04 -2.29 -1.61
C ILE A 7 6.52 -2.13 -1.73
N PRO A 8 5.78 -3.23 -1.52
CA PRO A 8 4.32 -3.23 -1.61
C PRO A 8 3.68 -2.46 -0.46
N TYR A 9 3.64 -1.14 -0.59
CA TYR A 9 3.05 -0.29 0.44
C TYR A 9 1.53 -0.34 0.39
N ASN A 10 0.99 -0.42 -0.83
CA ASN A 10 -0.46 -0.48 -1.02
C ASN A 10 -1.04 -1.72 -0.34
N ALA A 11 -0.28 -2.80 -0.32
CA ALA A 11 -0.73 -4.04 0.29
C ALA A 11 -1.14 -3.82 1.73
N ILE A 12 -0.45 -2.92 2.42
CA ILE A 12 -0.74 -2.61 3.81
C ILE A 12 -1.94 -1.68 3.92
N ALA A 13 -2.03 -0.71 3.01
CA ALA A 13 -3.13 0.24 3.00
C ALA A 13 -4.44 -0.45 2.66
N SER A 14 -4.36 -1.53 1.90
CA SER A 14 -5.54 -2.28 1.50
C SER A 14 -6.29 -2.82 2.71
N ARG A 15 -5.55 -3.43 3.64
CA ARG A 15 -6.14 -3.98 4.85
C ARG A 15 -6.25 -2.92 5.94
N TRP A 16 -5.26 -2.03 5.99
CA TRP A 16 -5.24 -0.97 6.99
C TRP A 16 -6.40 0.00 6.77
N ILE A 17 -6.73 0.25 5.52
CA ILE A 17 -7.82 1.15 5.18
C ILE A 17 -8.72 0.55 4.09
N ILE A 18 -9.99 0.95 4.11
CA ILE A 18 -10.95 0.44 3.13
C ILE A 18 -11.26 1.50 2.08
N ALA A 19 -10.22 2.04 1.45
CA ALA A 19 -10.38 3.06 0.42
C ALA A 19 -9.39 2.86 -0.72
N PRO A 20 -9.70 3.46 -1.88
CA PRO A 20 -8.84 3.35 -3.07
C PRO A 20 -7.52 4.11 -2.90
N LYS A 21 -7.60 5.27 -2.24
CA LYS A 21 -6.42 6.09 -2.01
C LYS A 21 -5.81 5.80 -0.65
N LYS A 22 -4.55 6.20 -0.47
CA LYS A 22 -3.85 5.99 0.80
C LYS A 22 -4.15 7.11 1.78
N CYS A 23 -3.65 6.97 3.01
CA CYS A 23 -3.87 7.97 4.04
C CYS A 23 -2.54 8.52 4.56
N ARG A 1 17.59 -12.77 -4.18
CA ARG A 1 16.39 -11.99 -4.38
C ARG A 1 16.73 -10.51 -4.57
N ALA A 2 15.95 -9.82 -5.39
CA ALA A 2 16.16 -8.41 -5.66
C ALA A 2 14.84 -7.66 -5.74
N VAL A 3 14.46 -7.01 -4.65
CA VAL A 3 13.21 -6.25 -4.61
C VAL A 3 13.22 -5.13 -5.63
N ILE A 4 14.25 -4.29 -5.58
CA ILE A 4 14.37 -3.17 -6.51
C ILE A 4 13.22 -2.18 -6.33
N TYR A 5 13.13 -1.59 -5.14
CA TYR A 5 12.08 -0.63 -4.85
C TYR A 5 10.70 -1.20 -5.20
N LYS A 6 10.54 -2.50 -4.98
CA LYS A 6 9.27 -3.16 -5.27
C LYS A 6 8.60 -3.65 -3.99
N ILE A 7 8.49 -2.76 -3.02
CA ILE A 7 7.87 -3.10 -1.74
C ILE A 7 6.36 -2.87 -1.78
N PRO A 8 5.60 -3.85 -1.30
CA PRO A 8 4.13 -3.78 -1.28
C PRO A 8 3.62 -2.76 -0.26
N TYR A 9 3.66 -1.49 -0.64
CA TYR A 9 3.21 -0.41 0.24
C TYR A 9 1.69 -0.32 0.24
N ASN A 10 1.09 -0.55 -0.93
CA ASN A 10 -0.37 -0.49 -1.06
C ASN A 10 -1.03 -1.64 -0.32
N ALA A 11 -0.35 -2.79 -0.30
CA ALA A 11 -0.87 -3.98 0.38
C ALA A 11 -1.26 -3.65 1.82
N ILE A 12 -0.51 -2.77 2.45
CA ILE A 12 -0.78 -2.38 3.83
C ILE A 12 -2.08 -1.60 3.93
N ALA A 13 -2.15 -0.47 3.22
CA ALA A 13 -3.34 0.37 3.24
C ALA A 13 -4.57 -0.42 2.80
N SER A 14 -4.35 -1.44 1.98
CA SER A 14 -5.44 -2.27 1.48
C SER A 14 -6.18 -2.94 2.63
N ARG A 15 -5.43 -3.50 3.57
CA ARG A 15 -6.00 -4.17 4.73
C ARG A 15 -6.28 -3.18 5.85
N TRP A 16 -5.41 -2.19 5.98
CA TRP A 16 -5.56 -1.18 7.03
C TRP A 16 -6.82 -0.34 6.80
N ILE A 17 -7.12 -0.08 5.53
CA ILE A 17 -8.29 0.70 5.18
C ILE A 17 -9.07 0.06 4.04
N ILE A 18 -10.37 0.29 4.00
CA ILE A 18 -11.22 -0.28 2.96
C ILE A 18 -11.51 0.76 1.87
N ALA A 19 -10.46 1.34 1.32
CA ALA A 19 -10.60 2.35 0.27
C ALA A 19 -9.54 2.17 -0.81
N PRO A 20 -9.80 2.74 -1.99
CA PRO A 20 -8.88 2.66 -3.13
C PRO A 20 -7.60 3.48 -2.90
N LYS A 21 -7.77 4.72 -2.45
CA LYS A 21 -6.64 5.60 -2.18
C LYS A 21 -5.74 5.71 -3.41
N LYS A 22 -6.36 5.75 -4.59
CA LYS A 22 -5.62 5.86 -5.84
C LYS A 22 -5.29 7.31 -6.15
N CYS A 23 -6.23 8.21 -5.83
CA CYS A 23 -6.03 9.63 -6.08
C CYS A 23 -5.42 10.32 -4.86
N ARG A 1 12.30 -2.87 -13.81
CA ARG A 1 11.29 -3.22 -12.80
C ARG A 1 11.95 -3.67 -11.51
N ALA A 2 11.75 -2.89 -10.45
CA ALA A 2 12.32 -3.20 -9.14
C ALA A 2 11.22 -3.46 -8.11
N VAL A 3 11.03 -4.72 -7.76
CA VAL A 3 10.01 -5.10 -6.79
C VAL A 3 10.50 -4.84 -5.36
N ILE A 4 11.74 -5.20 -5.09
CA ILE A 4 12.32 -5.00 -3.77
C ILE A 4 12.27 -3.53 -3.36
N TYR A 5 12.98 -2.69 -4.11
CA TYR A 5 13.01 -1.26 -3.83
C TYR A 5 11.60 -0.70 -3.71
N LYS A 6 10.71 -1.17 -4.56
CA LYS A 6 9.32 -0.71 -4.56
C LYS A 6 8.50 -1.48 -3.53
N ILE A 7 8.71 -1.17 -2.26
CA ILE A 7 7.99 -1.83 -1.18
C ILE A 7 6.49 -1.77 -1.40
N PRO A 8 5.81 -2.92 -1.23
CA PRO A 8 4.36 -3.03 -1.41
C PRO A 8 3.59 -2.29 -0.32
N TYR A 9 3.50 -0.97 -0.45
CA TYR A 9 2.79 -0.17 0.53
C TYR A 9 1.28 -0.34 0.39
N ASN A 10 0.82 -0.48 -0.85
CA ASN A 10 -0.60 -0.66 -1.12
C ASN A 10 -1.13 -1.91 -0.42
N ALA A 11 -0.30 -2.92 -0.31
CA ALA A 11 -0.68 -4.17 0.33
C ALA A 11 -1.10 -3.93 1.78
N ILE A 12 -0.43 -2.99 2.44
CA ILE A 12 -0.73 -2.66 3.82
C ILE A 12 -1.95 -1.74 3.92
N ALA A 13 -1.92 -0.66 3.15
CA ALA A 13 -3.02 0.31 3.15
C ALA A 13 -4.33 -0.35 2.72
N SER A 14 -4.22 -1.40 1.92
CA SER A 14 -5.39 -2.13 1.44
C SER A 14 -6.17 -2.74 2.60
N ARG A 15 -5.44 -3.33 3.54
CA ARG A 15 -6.05 -3.96 4.71
C ARG A 15 -6.27 -2.94 5.82
N TRP A 16 -5.33 -2.01 5.95
CA TRP A 16 -5.43 -0.97 6.98
C TRP A 16 -6.59 -0.04 6.71
N ILE A 17 -6.83 0.25 5.44
CA ILE A 17 -7.92 1.14 5.04
C ILE A 17 -8.96 0.40 4.20
N ILE A 18 -10.21 0.84 4.28
CA ILE A 18 -11.29 0.22 3.53
C ILE A 18 -12.22 1.28 2.92
N ALA A 19 -11.72 1.96 1.90
CA ALA A 19 -12.51 3.00 1.22
C ALA A 19 -12.64 2.70 -0.27
N PRO A 20 -13.64 3.31 -0.91
CA PRO A 20 -13.90 3.13 -2.34
C PRO A 20 -12.82 3.78 -3.21
N LYS A 21 -12.56 3.18 -4.36
CA LYS A 21 -11.55 3.69 -5.28
C LYS A 21 -10.22 3.93 -4.56
N LYS A 22 -9.79 2.93 -3.79
CA LYS A 22 -8.53 3.03 -3.06
C LYS A 22 -7.41 2.28 -3.79
N CYS A 23 -6.22 2.86 -3.76
CA CYS A 23 -5.07 2.26 -4.42
C CYS A 23 -3.81 2.42 -3.57
N ARG A 1 19.46 -3.37 4.92
CA ARG A 1 18.29 -3.07 5.72
C ARG A 1 17.04 -3.69 5.11
N ALA A 2 16.88 -3.53 3.80
CA ALA A 2 15.73 -4.09 3.09
C ALA A 2 16.07 -4.37 1.63
N VAL A 3 15.97 -5.64 1.24
CA VAL A 3 16.27 -6.05 -0.12
C VAL A 3 15.25 -5.48 -1.10
N ILE A 4 13.98 -5.54 -0.72
CA ILE A 4 12.91 -5.02 -1.56
C ILE A 4 12.76 -3.51 -1.40
N TYR A 5 13.16 -2.78 -2.44
CA TYR A 5 13.07 -1.31 -2.41
C TYR A 5 11.63 -0.85 -2.56
N LYS A 6 10.94 -1.40 -3.54
CA LYS A 6 9.54 -1.05 -3.80
C LYS A 6 8.63 -1.73 -2.78
N ILE A 7 8.74 -1.32 -1.52
CA ILE A 7 7.91 -1.88 -0.46
C ILE A 7 6.44 -1.83 -0.82
N PRO A 8 5.74 -2.96 -0.62
CA PRO A 8 4.30 -3.07 -0.92
C PRO A 8 3.45 -2.25 0.05
N TYR A 9 3.39 -0.94 -0.19
CA TYR A 9 2.61 -0.04 0.65
C TYR A 9 1.11 -0.25 0.42
N ASN A 10 0.74 -0.52 -0.82
CA ASN A 10 -0.65 -0.73 -1.17
C ASN A 10 -1.20 -1.98 -0.47
N ALA A 11 -0.34 -2.98 -0.29
CA ALA A 11 -0.74 -4.22 0.36
C ALA A 11 -1.12 -3.98 1.81
N ILE A 12 -0.43 -3.04 2.45
CA ILE A 12 -0.70 -2.72 3.85
C ILE A 12 -1.82 -1.69 3.96
N ALA A 13 -1.84 -0.74 3.04
CA ALA A 13 -2.87 0.29 3.04
C ALA A 13 -4.22 -0.28 2.65
N SER A 14 -4.21 -1.35 1.88
CA SER A 14 -5.44 -1.99 1.43
C SER A 14 -6.16 -2.65 2.61
N ARG A 15 -5.39 -3.30 3.48
CA ARG A 15 -5.95 -3.97 4.64
C ARG A 15 -6.12 -3.01 5.81
N TRP A 16 -5.09 -2.19 6.05
CA TRP A 16 -5.13 -1.22 7.14
C TRP A 16 -6.14 -0.12 6.86
N ILE A 17 -6.28 0.25 5.58
CA ILE A 17 -7.21 1.28 5.18
C ILE A 17 -8.17 0.78 4.10
N ILE A 18 -9.37 1.35 4.07
CA ILE A 18 -10.37 0.95 3.08
C ILE A 18 -10.74 2.13 2.18
N ALA A 19 -9.76 2.62 1.42
CA ALA A 19 -9.99 3.74 0.51
C ALA A 19 -10.39 4.99 1.28
N PRO A 20 -10.23 6.16 0.63
CA PRO A 20 -10.57 7.45 1.23
C PRO A 20 -12.07 7.64 1.39
N LYS A 21 -12.48 8.08 2.57
CA LYS A 21 -13.90 8.30 2.86
C LYS A 21 -14.43 9.49 2.06
N LYS A 22 -14.99 9.21 0.89
CA LYS A 22 -15.54 10.25 0.04
C LYS A 22 -16.69 10.98 0.73
N CYS A 23 -17.06 12.12 0.20
CA CYS A 23 -18.14 12.92 0.77
C CYS A 23 -19.51 12.36 0.35
N ARG A 1 17.55 2.37 2.52
CA ARG A 1 16.44 2.37 3.47
C ARG A 1 15.63 1.08 3.38
N ALA A 2 15.43 0.61 2.15
CA ALA A 2 14.66 -0.61 1.91
C ALA A 2 15.45 -1.59 1.06
N VAL A 3 15.96 -2.65 1.68
CA VAL A 3 16.74 -3.66 0.96
C VAL A 3 15.90 -4.32 -0.11
N ILE A 4 14.75 -4.85 0.29
CA ILE A 4 13.85 -5.52 -0.65
C ILE A 4 13.22 -4.53 -1.61
N TYR A 5 13.08 -4.94 -2.87
CA TYR A 5 12.49 -4.08 -3.90
C TYR A 5 11.04 -4.47 -4.17
N LYS A 6 10.31 -3.61 -4.86
CA LYS A 6 8.93 -3.85 -5.19
C LYS A 6 8.12 -4.21 -3.94
N ILE A 7 8.47 -3.59 -2.82
CA ILE A 7 7.80 -3.84 -1.55
C ILE A 7 6.33 -3.44 -1.64
N PRO A 8 5.45 -4.32 -1.16
CA PRO A 8 4.00 -4.08 -1.15
C PRO A 8 3.60 -3.00 -0.17
N TYR A 9 3.79 -1.74 -0.55
CA TYR A 9 3.46 -0.61 0.31
C TYR A 9 1.95 -0.34 0.28
N ASN A 10 1.35 -0.52 -0.90
CA ASN A 10 -0.08 -0.29 -1.05
C ASN A 10 -0.89 -1.40 -0.38
N ALA A 11 -0.34 -2.61 -0.38
CA ALA A 11 -1.01 -3.75 0.24
C ALA A 11 -1.39 -3.44 1.68
N ILE A 12 -0.55 -2.67 2.36
CA ILE A 12 -0.81 -2.30 3.75
C ILE A 12 -2.11 -1.51 3.88
N ALA A 13 -2.30 -0.54 2.99
CA ALA A 13 -3.49 0.29 3.01
C ALA A 13 -4.73 -0.55 2.71
N SER A 14 -4.55 -1.63 1.96
CA SER A 14 -5.65 -2.51 1.59
C SER A 14 -6.31 -3.10 2.84
N ARG A 15 -5.49 -3.59 3.75
CA ARG A 15 -5.99 -4.19 4.98
C ARG A 15 -6.20 -3.13 6.05
N TRP A 16 -5.30 -2.13 6.07
CA TRP A 16 -5.40 -1.05 7.05
C TRP A 16 -6.66 -0.23 6.84
N ILE A 17 -7.05 -0.05 5.59
CA ILE A 17 -8.24 0.71 5.25
C ILE A 17 -9.08 0.00 4.19
N ILE A 18 -10.38 0.24 4.22
CA ILE A 18 -11.29 -0.38 3.25
C ILE A 18 -11.96 0.67 2.38
N ALA A 19 -11.15 1.40 1.61
CA ALA A 19 -11.67 2.43 0.73
C ALA A 19 -11.74 1.94 -0.72
N PRO A 20 -12.55 2.61 -1.53
CA PRO A 20 -12.73 2.26 -2.95
C PRO A 20 -11.49 2.55 -3.78
N LYS A 21 -11.54 2.22 -5.06
CA LYS A 21 -10.42 2.44 -5.97
C LYS A 21 -10.05 3.93 -6.02
N LYS A 22 -8.84 4.24 -5.59
CA LYS A 22 -8.36 5.62 -5.59
C LYS A 22 -8.34 6.18 -7.00
N CYS A 23 -7.96 5.34 -7.96
CA CYS A 23 -7.89 5.76 -9.35
C CYS A 23 -9.19 5.43 -10.09
N ARG A 1 17.13 -2.21 -10.08
CA ARG A 1 15.76 -2.41 -9.61
C ARG A 1 15.75 -3.19 -8.30
N ALA A 2 15.03 -2.67 -7.30
CA ALA A 2 14.94 -3.31 -6.01
C ALA A 2 13.49 -3.40 -5.54
N VAL A 3 12.95 -4.62 -5.54
CA VAL A 3 11.57 -4.85 -5.12
C VAL A 3 11.48 -5.02 -3.61
N ILE A 4 12.47 -5.68 -3.04
CA ILE A 4 12.50 -5.92 -1.60
C ILE A 4 12.40 -4.61 -0.82
N TYR A 5 13.40 -3.76 -0.98
CA TYR A 5 13.42 -2.46 -0.30
C TYR A 5 12.12 -1.70 -0.54
N LYS A 6 11.62 -1.78 -1.77
CA LYS A 6 10.38 -1.10 -2.13
C LYS A 6 9.16 -1.86 -1.63
N ILE A 7 8.94 -1.81 -0.33
CA ILE A 7 7.80 -2.51 0.28
C ILE A 7 6.49 -2.06 -0.35
N PRO A 8 5.64 -3.05 -0.69
CA PRO A 8 4.34 -2.79 -1.31
C PRO A 8 3.36 -2.14 -0.33
N TYR A 9 3.51 -0.83 -0.13
CA TYR A 9 2.63 -0.10 0.78
C TYR A 9 1.16 -0.36 0.45
N ASN A 10 0.85 -0.38 -0.85
CA ASN A 10 -0.52 -0.61 -1.29
C ASN A 10 -1.09 -1.88 -0.67
N ALA A 11 -0.23 -2.87 -0.45
CA ALA A 11 -0.64 -4.13 0.14
C ALA A 11 -1.03 -3.94 1.60
N ILE A 12 -0.33 -3.05 2.29
CA ILE A 12 -0.62 -2.78 3.70
C ILE A 12 -1.85 -1.89 3.85
N ALA A 13 -1.88 -0.79 3.10
CA ALA A 13 -3.00 0.14 3.15
C ALA A 13 -4.31 -0.55 2.78
N SER A 14 -4.21 -1.57 1.93
CA SER A 14 -5.39 -2.32 1.50
C SER A 14 -6.20 -2.79 2.70
N ARG A 15 -5.51 -3.21 3.75
CA ARG A 15 -6.17 -3.69 4.96
C ARG A 15 -6.49 -2.53 5.89
N TRP A 16 -5.60 -1.54 5.93
CA TRP A 16 -5.80 -0.38 6.79
C TRP A 16 -7.04 0.41 6.38
N ILE A 17 -7.31 0.43 5.08
CA ILE A 17 -8.49 1.14 4.56
C ILE A 17 -9.14 0.36 3.44
N ILE A 18 -10.46 0.54 3.29
CA ILE A 18 -11.20 -0.15 2.25
C ILE A 18 -11.94 0.84 1.35
N ALA A 19 -11.18 1.63 0.62
CA ALA A 19 -11.76 2.63 -0.29
C ALA A 19 -10.75 3.06 -1.34
N PRO A 20 -11.27 3.63 -2.45
CA PRO A 20 -10.43 4.10 -3.56
C PRO A 20 -9.61 5.32 -3.18
N LYS A 21 -8.37 5.38 -3.69
CA LYS A 21 -7.48 6.50 -3.40
C LYS A 21 -6.55 6.76 -4.58
N LYS A 22 -6.21 8.04 -4.79
CA LYS A 22 -5.33 8.42 -5.88
C LYS A 22 -4.22 9.34 -5.39
N CYS A 23 -3.14 9.43 -6.15
CA CYS A 23 -2.02 10.28 -5.79
C CYS A 23 -2.33 11.75 -6.05
N ARG A 1 20.55 7.88 -3.85
CA ARG A 1 19.43 7.19 -3.24
C ARG A 1 18.16 7.38 -4.08
N ALA A 2 17.24 6.42 -4.00
CA ALA A 2 15.99 6.48 -4.74
C ALA A 2 14.80 6.58 -3.80
N VAL A 3 14.23 7.78 -3.71
CA VAL A 3 13.08 8.02 -2.84
C VAL A 3 11.98 7.00 -3.12
N ILE A 4 11.73 6.73 -4.40
CA ILE A 4 10.70 5.77 -4.79
C ILE A 4 11.25 4.35 -4.80
N TYR A 5 10.79 3.54 -3.85
CA TYR A 5 11.23 2.15 -3.75
C TYR A 5 10.13 1.20 -4.24
N LYS A 6 10.47 -0.07 -4.33
CA LYS A 6 9.53 -1.10 -4.78
C LYS A 6 8.88 -1.79 -3.59
N ILE A 7 8.62 -1.03 -2.53
CA ILE A 7 8.00 -1.58 -1.33
C ILE A 7 6.48 -1.62 -1.46
N PRO A 8 5.88 -2.76 -1.11
CA PRO A 8 4.43 -2.95 -1.17
C PRO A 8 3.68 -2.12 -0.13
N TYR A 9 3.52 -0.82 -0.41
CA TYR A 9 2.84 0.07 0.51
C TYR A 9 1.32 -0.11 0.42
N ASN A 10 0.83 -0.36 -0.80
CA ASN A 10 -0.59 -0.56 -1.02
C ASN A 10 -1.06 -1.87 -0.39
N ALA A 11 -0.19 -2.87 -0.41
CA ALA A 11 -0.51 -4.18 0.15
C ALA A 11 -0.95 -4.05 1.61
N ILE A 12 -0.34 -3.12 2.33
CA ILE A 12 -0.67 -2.90 3.73
C ILE A 12 -1.85 -1.97 3.88
N ALA A 13 -1.89 -0.91 3.05
CA ALA A 13 -2.97 0.06 3.09
C ALA A 13 -4.30 -0.59 2.74
N SER A 14 -4.25 -1.64 1.91
CA SER A 14 -5.45 -2.35 1.49
C SER A 14 -6.29 -2.75 2.69
N ARG A 15 -5.63 -3.19 3.75
CA ARG A 15 -6.32 -3.60 4.97
C ARG A 15 -6.58 -2.41 5.89
N TRP A 16 -5.63 -1.47 5.91
CA TRP A 16 -5.75 -0.29 6.75
C TRP A 16 -6.96 0.55 6.33
N ILE A 17 -7.26 0.55 5.03
CA ILE A 17 -8.39 1.31 4.51
C ILE A 17 -9.46 0.38 3.94
N ILE A 18 -10.70 0.83 3.97
CA ILE A 18 -11.82 0.03 3.46
C ILE A 18 -13.14 0.77 3.62
N ALA A 19 -13.54 1.48 2.56
CA ALA A 19 -14.80 2.23 2.58
C ALA A 19 -15.97 1.34 2.19
N PRO A 20 -17.19 1.78 2.55
CA PRO A 20 -18.41 1.04 2.24
C PRO A 20 -18.74 1.06 0.75
N LYS A 21 -19.38 -0.02 0.28
CA LYS A 21 -19.75 -0.12 -1.13
C LYS A 21 -20.58 1.09 -1.57
N LYS A 22 -21.45 1.56 -0.68
CA LYS A 22 -22.30 2.71 -0.98
C LYS A 22 -21.45 3.95 -1.25
N CYS A 23 -21.57 4.48 -2.46
CA CYS A 23 -20.82 5.67 -2.85
C CYS A 23 -19.32 5.44 -2.70
N ARG A 1 17.63 8.45 0.65
CA ARG A 1 17.41 7.57 1.78
C ARG A 1 16.76 6.27 1.35
N ALA A 2 15.54 6.36 0.82
CA ALA A 2 14.82 5.18 0.36
C ALA A 2 15.03 4.96 -1.13
N VAL A 3 15.00 6.05 -1.90
CA VAL A 3 15.18 5.97 -3.35
C VAL A 3 14.22 4.96 -3.97
N ILE A 4 12.93 5.28 -3.93
CA ILE A 4 11.92 4.40 -4.50
C ILE A 4 12.05 2.99 -3.96
N TYR A 5 11.58 2.77 -2.74
CA TYR A 5 11.65 1.45 -2.11
C TYR A 5 10.71 0.47 -2.80
N LYS A 6 11.05 -0.82 -2.73
CA LYS A 6 10.24 -1.86 -3.34
C LYS A 6 9.35 -2.53 -2.31
N ILE A 7 8.85 -1.74 -1.36
CA ILE A 7 7.97 -2.25 -0.32
C ILE A 7 6.51 -2.15 -0.72
N PRO A 8 5.76 -3.24 -0.52
CA PRO A 8 4.33 -3.30 -0.86
C PRO A 8 3.49 -2.43 0.07
N TYR A 9 3.49 -1.13 -0.19
CA TYR A 9 2.71 -0.18 0.62
C TYR A 9 1.22 -0.37 0.40
N ASN A 10 0.83 -0.46 -0.87
CA ASN A 10 -0.57 -0.64 -1.23
C ASN A 10 -1.17 -1.87 -0.53
N ALA A 11 -0.34 -2.89 -0.33
CA ALA A 11 -0.77 -4.11 0.32
C ALA A 11 -1.14 -3.85 1.79
N ILE A 12 -0.40 -2.94 2.42
CA ILE A 12 -0.64 -2.60 3.81
C ILE A 12 -1.85 -1.67 3.95
N ALA A 13 -1.91 -0.66 3.09
CA ALA A 13 -3.00 0.29 3.11
C ALA A 13 -4.32 -0.36 2.71
N SER A 14 -4.22 -1.42 1.91
CA SER A 14 -5.41 -2.14 1.45
C SER A 14 -6.17 -2.73 2.64
N ARG A 15 -5.44 -3.38 3.54
CA ARG A 15 -6.05 -4.00 4.71
C ARG A 15 -6.17 -2.99 5.85
N TRP A 16 -5.17 -2.12 5.97
CA TRP A 16 -5.16 -1.11 7.03
C TRP A 16 -6.31 -0.12 6.83
N ILE A 17 -6.60 0.19 5.56
CA ILE A 17 -7.68 1.13 5.24
C ILE A 17 -8.53 0.60 4.09
N ILE A 18 -9.79 1.01 4.08
CA ILE A 18 -10.72 0.58 3.03
C ILE A 18 -12.11 1.18 3.24
N ALA A 19 -12.36 2.31 2.60
CA ALA A 19 -13.65 2.98 2.72
C ALA A 19 -14.72 2.29 1.87
N PRO A 20 -15.98 2.55 2.20
CA PRO A 20 -17.12 1.95 1.48
C PRO A 20 -17.27 2.50 0.06
N LYS A 21 -16.90 1.70 -0.92
CA LYS A 21 -16.99 2.10 -2.31
C LYS A 21 -18.44 2.16 -2.77
N LYS A 22 -18.77 3.16 -3.58
CA LYS A 22 -20.13 3.33 -4.08
C LYS A 22 -20.15 3.23 -5.60
N CYS A 23 -21.33 3.00 -6.16
CA CYS A 23 -21.49 2.89 -7.60
C CYS A 23 -20.57 1.82 -8.17
#